data_9F65
#
_entry.id   9F65
#
_cell.length_a   40.570
_cell.length_b   67.760
_cell.length_c   64.030
_cell.angle_alpha   90.00
_cell.angle_beta   98.70
_cell.angle_gamma   90.00
#
_symmetry.space_group_name_H-M   'P 1 21 1'
#
loop_
_entity.id
_entity.type
_entity.pdbx_description
1 polymer 'Thiol peroxidase'
2 non-polymer 3-methyl-2-(prop-2-ynoxymethyl)imidazol-4-amine
3 water water
#
_entity_poly.entity_id   1
_entity_poly.type   'polypeptide(L)'
_entity_poly.pdbx_seq_one_letter_code
;MASWSHPQFEKGAVTSLYKKAGFQKVTFKEETYQLEGKALKVGDKAPDVKLVNGDLQEVNLLKQGVRFQVVSALPSLTGS
VCLLQAKHFNEQTGKLPSVSFSVISMDLPFSQGQIAGAEGIKDLRILSDFRYKAFGENYGVLLGKGSLQGLLARSVFVLD
DKGVVIYKEIVQNILEEPNYEALLKVLK
;
_entity_poly.pdbx_strand_id   A,B
#
loop_
_chem_comp.id
_chem_comp.type
_chem_comp.name
_chem_comp.formula
A1IAR non-polymer 3-methyl-2-(prop-2-ynoxymethyl)imidazol-4-amine 'C8 H11 N3 O'
#
# COMPACT_ATOMS: atom_id res chain seq x y z
N GLN A 24 -10.14 22.91 4.28
CA GLN A 24 -11.24 21.93 4.52
C GLN A 24 -10.72 20.78 5.39
N LYS A 25 -11.59 20.23 6.24
CA LYS A 25 -11.32 19.05 7.10
C LYS A 25 -12.18 17.86 6.64
N VAL A 26 -11.81 16.65 7.03
CA VAL A 26 -12.59 15.40 6.80
C VAL A 26 -12.76 14.70 8.15
N THR A 27 -13.95 14.15 8.41
CA THR A 27 -14.28 13.47 9.69
C THR A 27 -14.42 11.97 9.46
N PHE A 28 -13.91 11.19 10.40
CA PHE A 28 -14.08 9.72 10.48
C PHE A 28 -14.39 9.35 11.92
N LYS A 29 -15.67 9.16 12.24
CA LYS A 29 -16.16 8.91 13.63
C LYS A 29 -15.64 10.04 14.52
N GLU A 30 -14.71 9.78 15.44
CA GLU A 30 -14.25 10.79 16.44
C GLU A 30 -13.07 11.58 15.89
N GLU A 31 -12.48 11.15 14.77
CA GLU A 31 -11.25 11.78 14.21
C GLU A 31 -11.63 12.87 13.19
N THR A 32 -10.89 13.97 13.22
CA THR A 32 -10.91 15.06 12.21
C THR A 32 -9.53 15.11 11.55
N TYR A 33 -9.49 15.07 10.22
CA TYR A 33 -8.23 15.04 9.44
C TYR A 33 -8.01 16.39 8.76
N GLN A 34 -6.78 16.89 8.88
CA GLN A 34 -6.20 17.90 7.94
C GLN A 34 -5.94 17.17 6.61
N LEU A 35 -6.22 17.85 5.50
CA LEU A 35 -5.86 17.36 4.14
C LEU A 35 -4.46 17.88 3.81
N GLU A 36 -3.54 16.99 3.47
CA GLU A 36 -2.14 17.31 3.10
C GLU A 36 -2.02 17.30 1.57
N GLY A 37 -0.94 17.88 1.04
CA GLY A 37 -0.69 18.05 -0.41
C GLY A 37 -1.19 19.40 -0.90
N LYS A 38 -0.98 19.69 -2.19
CA LYS A 38 -1.33 21.00 -2.83
C LYS A 38 -2.85 21.08 -3.04
N ALA A 39 -3.48 22.17 -2.58
CA ALA A 39 -4.91 22.47 -2.80
C ALA A 39 -5.14 22.63 -4.30
N LEU A 40 -6.01 21.79 -4.87
CA LEU A 40 -6.46 21.89 -6.28
C LEU A 40 -7.91 22.39 -6.28
N LYS A 41 -8.16 23.52 -6.94
CA LYS A 41 -9.46 24.25 -6.91
C LYS A 41 -10.19 24.06 -8.25
N VAL A 42 -11.52 24.17 -8.22
CA VAL A 42 -12.37 24.34 -9.44
C VAL A 42 -11.78 25.51 -10.22
N GLY A 43 -11.50 25.32 -11.51
CA GLY A 43 -10.93 26.36 -12.38
C GLY A 43 -9.45 26.17 -12.64
N ASP A 44 -8.76 25.36 -11.82
CA ASP A 44 -7.31 25.05 -11.97
C ASP A 44 -7.11 23.96 -13.03
N LYS A 45 -6.02 24.08 -13.80
CA LYS A 45 -5.48 22.98 -14.65
C LYS A 45 -5.10 21.82 -13.73
N ALA A 46 -5.64 20.63 -13.96
CA ALA A 46 -5.32 19.42 -13.18
C ALA A 46 -3.92 18.96 -13.55
N PRO A 47 -3.03 18.73 -12.55
CA PRO A 47 -1.69 18.22 -12.84
C PRO A 47 -1.71 16.73 -13.25
N ASP A 48 -0.87 16.35 -14.21
CA ASP A 48 -0.65 14.93 -14.56
C ASP A 48 0.23 14.32 -13.46
N VAL A 49 -0.03 13.06 -13.10
CA VAL A 49 0.75 12.35 -12.06
C VAL A 49 0.98 10.92 -12.55
N LYS A 50 2.06 10.32 -12.06
CA LYS A 50 2.44 8.90 -12.29
C LYS A 50 1.74 8.03 -11.26
N LEU A 51 1.11 6.96 -11.74
CA LEU A 51 0.41 5.95 -10.93
C LEU A 51 0.84 4.57 -11.43
N VAL A 52 0.46 3.51 -10.73
CA VAL A 52 0.78 2.11 -11.11
C VAL A 52 -0.54 1.36 -11.31
N ASN A 53 -0.71 0.66 -12.44
CA ASN A 53 -1.93 -0.13 -12.78
C ASN A 53 -1.74 -1.58 -12.34
N GLY A 54 -2.73 -2.44 -12.64
CA GLY A 54 -2.76 -3.86 -12.23
C GLY A 54 -1.63 -4.68 -12.80
N ASP A 55 -1.03 -4.25 -13.92
CA ASP A 55 0.10 -4.96 -14.59
C ASP A 55 1.44 -4.44 -14.07
N LEU A 56 1.43 -3.65 -13.00
CA LEU A 56 2.63 -3.00 -12.40
C LEU A 56 3.32 -2.13 -13.47
N GLN A 57 2.53 -1.53 -14.36
CA GLN A 57 3.01 -0.58 -15.40
C GLN A 57 2.74 0.84 -14.87
N GLU A 58 3.73 1.73 -14.95
CA GLU A 58 3.55 3.17 -14.63
C GLU A 58 2.70 3.81 -15.72
N VAL A 59 1.70 4.58 -15.34
CA VAL A 59 0.74 5.25 -16.28
C VAL A 59 0.60 6.72 -15.86
N ASN A 60 0.23 7.57 -16.80
CA ASN A 60 -0.16 8.98 -16.52
C ASN A 60 -1.66 8.98 -16.21
N LEU A 61 -2.07 9.71 -15.19
CA LEU A 61 -3.49 9.85 -14.80
C LEU A 61 -4.30 10.40 -15.97
N LEU A 62 -3.88 11.53 -16.56
CA LEU A 62 -4.72 12.31 -17.52
C LEU A 62 -4.81 11.56 -18.86
N LYS A 63 -6.00 11.54 -19.45
CA LYS A 63 -6.26 11.01 -20.82
C LYS A 63 -6.42 12.17 -21.80
N GLN A 64 -5.79 12.05 -22.98
CA GLN A 64 -5.88 12.98 -24.13
C GLN A 64 -7.21 12.75 -24.85
N GLY A 65 -7.86 13.83 -25.30
CA GLY A 65 -8.97 13.82 -26.27
C GLY A 65 -10.18 13.02 -25.79
N VAL A 66 -10.68 13.33 -24.60
CA VAL A 66 -11.97 12.81 -24.06
C VAL A 66 -12.75 14.00 -23.49
N ARG A 67 -14.08 13.98 -23.61
CA ARG A 67 -14.98 15.11 -23.27
C ARG A 67 -14.85 15.44 -21.78
N PHE A 68 -14.94 14.42 -20.91
CA PHE A 68 -14.81 14.56 -19.45
C PHE A 68 -13.89 13.45 -18.91
N GLN A 69 -13.09 13.79 -17.90
CA GLN A 69 -12.30 12.82 -17.10
C GLN A 69 -12.81 12.90 -15.65
N VAL A 70 -13.25 11.76 -15.11
CA VAL A 70 -13.68 11.62 -13.70
C VAL A 70 -12.55 10.89 -12.96
N VAL A 71 -12.01 11.53 -11.92
CA VAL A 71 -10.95 10.94 -11.07
C VAL A 71 -11.46 10.95 -9.64
N SER A 72 -11.58 9.75 -9.06
CA SER A 72 -12.14 9.51 -7.71
C SER A 72 -11.07 8.79 -6.89
N ALA A 73 -10.98 9.12 -5.61
CA ALA A 73 -10.02 8.46 -4.72
C ALA A 73 -10.76 7.96 -3.48
N LEU A 74 -10.26 6.91 -2.86
CA LEU A 74 -10.86 6.37 -1.63
C LEU A 74 -9.77 5.77 -0.75
N PRO A 75 -9.97 5.64 0.56
CA PRO A 75 -8.97 5.11 1.47
C PRO A 75 -8.50 3.70 1.10
N SER A 76 -9.42 2.77 0.88
CA SER A 76 -9.06 1.38 0.51
C SER A 76 -10.26 0.64 -0.10
N LEU A 77 -10.03 -0.16 -1.11
CA LEU A 77 -11.07 -1.00 -1.79
C LEU A 77 -11.53 -2.15 -0.88
N THR A 78 -10.84 -2.40 0.24
CA THR A 78 -11.21 -3.44 1.24
C THR A 78 -12.52 -3.07 1.94
N GLY A 79 -12.86 -1.79 2.01
CA GLY A 79 -14.00 -1.26 2.79
C GLY A 79 -15.30 -1.29 2.00
N SER A 80 -16.39 -1.52 2.70
CA SER A 80 -17.75 -1.66 2.10
C SER A 80 -18.14 -0.38 1.36
N VAL A 81 -18.07 0.77 2.02
CA VAL A 81 -18.43 2.06 1.36
C VAL A 81 -17.51 2.26 0.15
N CYS A 82 -16.21 1.99 0.31
CA CYS A 82 -15.26 2.12 -0.74
C CYS A 82 -15.63 1.26 -1.94
N LEU A 83 -16.07 0.02 -1.70
CA LEU A 83 -16.42 -0.94 -2.78
C LEU A 83 -17.67 -0.50 -3.53
N LEU A 84 -18.64 0.05 -2.81
CA LEU A 84 -19.87 0.60 -3.44
C LEU A 84 -19.47 1.73 -4.41
N GLN A 85 -18.52 2.58 -4.01
CA GLN A 85 -18.02 3.69 -4.86
C GLN A 85 -17.38 3.11 -6.12
N ALA A 86 -16.53 2.09 -5.98
CA ALA A 86 -15.84 1.40 -7.09
C ALA A 86 -16.89 0.74 -8.01
N LYS A 87 -17.91 0.15 -7.41
CA LYS A 87 -18.99 -0.51 -8.20
C LYS A 87 -19.76 0.55 -8.97
N HIS A 88 -20.05 1.68 -8.34
CA HIS A 88 -20.80 2.75 -9.04
C HIS A 88 -19.97 3.32 -10.18
N PHE A 89 -18.66 3.40 -10.06
CA PHE A 89 -17.90 3.98 -11.20
C PHE A 89 -17.69 2.92 -12.27
N ASN A 90 -17.75 1.66 -11.87
CA ASN A 90 -17.60 0.59 -12.88
C ASN A 90 -18.84 0.62 -13.77
N GLU A 91 -20.01 0.85 -13.18
CA GLU A 91 -21.27 0.91 -13.96
C GLU A 91 -21.24 2.10 -14.93
N GLN A 92 -20.68 3.25 -14.54
CA GLN A 92 -20.72 4.46 -15.40
C GLN A 92 -19.77 4.23 -16.56
N THR A 93 -18.67 3.52 -16.32
CA THR A 93 -17.66 3.24 -17.37
C THR A 93 -18.36 2.66 -18.58
N GLY A 94 -19.34 1.79 -18.37
CA GLY A 94 -20.11 1.18 -19.47
C GLY A 94 -21.24 2.07 -19.97
N LYS A 95 -21.86 2.84 -19.08
CA LYS A 95 -23.00 3.68 -19.52
C LYS A 95 -22.53 4.94 -20.25
N LEU A 96 -21.32 5.43 -19.95
CA LEU A 96 -20.82 6.69 -20.55
C LEU A 96 -19.44 6.47 -21.17
N PRO A 97 -19.30 5.70 -22.27
CA PRO A 97 -18.01 5.48 -22.92
C PRO A 97 -17.27 6.72 -23.42
N SER A 98 -17.96 7.86 -23.55
CA SER A 98 -17.37 9.16 -23.93
C SER A 98 -16.66 9.80 -22.73
N VAL A 99 -16.87 9.28 -21.52
CA VAL A 99 -16.27 9.80 -20.26
C VAL A 99 -15.27 8.78 -19.71
N SER A 100 -14.05 9.25 -19.39
CA SER A 100 -12.94 8.46 -18.78
C SER A 100 -13.12 8.47 -17.26
N PHE A 101 -13.30 7.29 -16.66
CA PHE A 101 -13.45 7.09 -15.20
C PHE A 101 -12.18 6.44 -14.63
N SER A 102 -11.60 7.05 -13.59
CA SER A 102 -10.43 6.50 -12.86
C SER A 102 -10.70 6.47 -11.36
N VAL A 103 -10.35 5.36 -10.70
CA VAL A 103 -10.44 5.21 -9.22
C VAL A 103 -9.02 4.96 -8.70
N ILE A 104 -8.63 5.73 -7.69
CA ILE A 104 -7.25 5.71 -7.13
C ILE A 104 -7.33 5.36 -5.65
N SER A 105 -6.41 4.52 -5.18
CA SER A 105 -6.22 4.23 -3.74
C SER A 105 -4.75 3.93 -3.46
N MET A 106 -4.38 3.86 -2.17
CA MET A 106 -3.02 3.47 -1.70
C MET A 106 -2.87 1.95 -1.62
N ASP A 107 -3.94 1.19 -1.84
CA ASP A 107 -3.86 -0.29 -1.98
C ASP A 107 -2.81 -0.61 -3.04
N LEU A 108 -1.96 -1.60 -2.81
CA LEU A 108 -1.03 -2.13 -3.85
C LEU A 108 -1.85 -2.66 -5.03
N PRO A 109 -1.31 -2.56 -6.26
CA PRO A 109 -1.97 -3.13 -7.44
C PRO A 109 -2.45 -4.58 -7.27
N PHE A 110 -1.72 -5.40 -6.52
CA PHE A 110 -2.04 -6.84 -6.30
C PHE A 110 -3.42 -6.97 -5.63
N SER A 111 -3.65 -6.25 -4.53
CA SER A 111 -4.93 -6.30 -3.78
C SER A 111 -6.05 -5.67 -4.62
N GLN A 112 -5.76 -4.55 -5.29
CA GLN A 112 -6.69 -3.87 -6.23
C GLN A 112 -7.20 -4.87 -7.28
N GLY A 113 -6.28 -5.60 -7.93
CA GLY A 113 -6.59 -6.65 -8.93
C GLY A 113 -7.41 -7.78 -8.34
N GLN A 114 -7.04 -8.24 -7.14
CA GLN A 114 -7.75 -9.34 -6.41
C GLN A 114 -9.20 -8.93 -6.13
N ILE A 115 -9.40 -7.73 -5.60
CA ILE A 115 -10.74 -7.26 -5.17
C ILE A 115 -11.59 -6.99 -6.42
N ALA A 116 -10.98 -6.41 -7.46
CA ALA A 116 -11.64 -6.10 -8.76
C ALA A 116 -12.06 -7.41 -9.44
N GLY A 117 -11.19 -8.43 -9.39
CA GLY A 117 -11.44 -9.79 -9.92
C GLY A 117 -12.65 -10.43 -9.27
N ALA A 118 -12.67 -10.46 -7.93
CA ALA A 118 -13.73 -11.09 -7.10
C ALA A 118 -15.08 -10.40 -7.34
N GLU A 119 -15.07 -9.09 -7.49
CA GLU A 119 -16.31 -8.29 -7.60
C GLU A 119 -16.73 -8.06 -9.05
N GLY A 120 -15.91 -8.50 -10.00
CA GLY A 120 -16.24 -8.36 -11.43
C GLY A 120 -16.16 -6.94 -11.92
N ILE A 121 -15.39 -6.09 -11.26
CA ILE A 121 -15.20 -4.68 -11.72
C ILE A 121 -14.05 -4.67 -12.70
N LYS A 122 -14.28 -5.14 -13.92
CA LYS A 122 -13.17 -5.30 -14.88
C LYS A 122 -13.03 -4.13 -15.84
N ASP A 123 -14.07 -3.33 -15.99
CA ASP A 123 -13.99 -2.22 -16.97
C ASP A 123 -13.31 -1.00 -16.36
N LEU A 124 -13.46 -0.82 -15.05
CA LEU A 124 -12.93 0.35 -14.33
C LEU A 124 -11.40 0.46 -14.34
N ARG A 125 -10.91 1.67 -14.61
CA ARG A 125 -9.47 2.00 -14.52
C ARG A 125 -9.10 2.19 -13.04
N ILE A 126 -8.54 1.16 -12.42
CA ILE A 126 -8.10 1.15 -10.99
C ILE A 126 -6.59 1.38 -10.98
N LEU A 127 -6.14 2.40 -10.27
CA LEU A 127 -4.73 2.84 -10.24
C LEU A 127 -4.28 2.95 -8.78
N SER A 128 -3.00 2.67 -8.53
CA SER A 128 -2.39 2.75 -7.18
C SER A 128 -1.50 3.98 -7.09
N ASP A 129 -1.61 4.69 -5.97
CA ASP A 129 -0.79 5.89 -5.66
C ASP A 129 0.38 5.50 -4.74
N PHE A 130 0.60 4.21 -4.47
CA PHE A 130 1.56 3.72 -3.44
C PHE A 130 2.98 4.22 -3.72
N ARG A 131 3.40 4.28 -4.98
CA ARG A 131 4.83 4.41 -5.34
C ARG A 131 5.32 5.84 -5.04
N TYR A 132 4.59 6.87 -5.45
CA TYR A 132 5.03 8.29 -5.37
C TYR A 132 4.11 9.11 -4.48
N LYS A 133 2.89 8.64 -4.19
CA LYS A 133 1.85 9.43 -3.48
C LYS A 133 1.62 10.72 -4.27
N ALA A 134 1.87 10.69 -5.58
CA ALA A 134 1.80 11.87 -6.48
C ALA A 134 0.35 12.36 -6.58
N PHE A 135 -0.65 11.46 -6.58
CA PHE A 135 -2.07 11.89 -6.64
C PHE A 135 -2.44 12.61 -5.34
N GLY A 136 -2.17 11.97 -4.20
CA GLY A 136 -2.42 12.54 -2.86
C GLY A 136 -1.80 13.92 -2.70
N GLU A 137 -0.56 14.09 -3.17
CA GLU A 137 0.24 15.33 -2.95
C GLU A 137 -0.20 16.44 -3.91
N ASN A 138 -0.65 16.09 -5.13
CA ASN A 138 -0.94 17.10 -6.18
C ASN A 138 -2.44 17.43 -6.23
N TYR A 139 -3.31 16.58 -5.67
CA TYR A 139 -4.79 16.80 -5.65
C TYR A 139 -5.24 17.20 -4.24
N GLY A 140 -4.33 17.18 -3.27
CA GLY A 140 -4.55 17.67 -1.90
C GLY A 140 -5.55 16.81 -1.13
N VAL A 141 -5.47 15.49 -1.28
CA VAL A 141 -6.44 14.55 -0.65
C VAL A 141 -5.69 13.52 0.21
N LEU A 142 -4.44 13.82 0.56
CA LEU A 142 -3.63 12.96 1.46
C LEU A 142 -4.11 13.20 2.91
N LEU A 143 -4.64 12.17 3.57
CA LEU A 143 -5.14 12.29 4.97
C LEU A 143 -3.96 12.49 5.92
N GLY A 144 -4.06 13.51 6.79
CA GLY A 144 -3.02 13.87 7.77
C GLY A 144 -3.06 12.96 8.98
N LYS A 145 -2.47 13.39 10.11
CA LYS A 145 -2.32 12.54 11.32
C LYS A 145 -3.67 11.94 11.72
N GLY A 146 -3.64 10.68 12.18
CA GLY A 146 -4.81 9.89 12.61
C GLY A 146 -4.69 8.45 12.15
N SER A 147 -5.70 7.62 12.42
CA SER A 147 -5.69 6.18 12.07
C SER A 147 -5.58 6.00 10.55
N LEU A 148 -6.16 6.91 9.75
CA LEU A 148 -6.19 6.79 8.26
C LEU A 148 -5.05 7.56 7.60
N GLN A 149 -4.08 8.05 8.39
CA GLN A 149 -2.97 8.89 7.87
C GLN A 149 -2.26 8.17 6.71
N GLY A 150 -2.01 8.90 5.62
CA GLY A 150 -1.33 8.40 4.42
C GLY A 150 -2.28 7.76 3.41
N LEU A 151 -3.54 7.57 3.77
CA LEU A 151 -4.58 7.06 2.84
C LEU A 151 -5.20 8.26 2.11
N LEU A 152 -5.91 8.03 1.01
CA LEU A 152 -6.53 9.14 0.23
C LEU A 152 -7.96 9.38 0.75
N ALA A 153 -8.29 10.64 0.95
CA ALA A 153 -9.65 11.13 1.27
C ALA A 153 -10.61 10.71 0.16
N ARG A 154 -11.81 10.29 0.52
CA ARG A 154 -12.88 10.00 -0.46
C ARG A 154 -13.17 11.30 -1.21
N SER A 155 -13.08 11.29 -2.54
CA SER A 155 -13.05 12.52 -3.34
C SER A 155 -13.38 12.23 -4.80
N VAL A 156 -13.91 13.24 -5.47
CA VAL A 156 -14.25 13.19 -6.93
C VAL A 156 -13.82 14.51 -7.55
N PHE A 157 -13.10 14.44 -8.66
CA PHE A 157 -12.76 15.59 -9.53
C PHE A 157 -13.27 15.26 -10.95
N VAL A 158 -13.95 16.22 -11.57
CA VAL A 158 -14.27 16.14 -13.02
C VAL A 158 -13.45 17.21 -13.73
N LEU A 159 -12.73 16.81 -14.79
CA LEU A 159 -11.92 17.67 -15.67
C LEU A 159 -12.67 17.81 -17.00
N ASP A 160 -12.62 18.99 -17.62
CA ASP A 160 -13.20 19.21 -18.97
C ASP A 160 -12.17 18.76 -20.01
N ASP A 161 -12.46 19.00 -21.29
CA ASP A 161 -11.66 18.52 -22.44
C ASP A 161 -10.35 19.30 -22.54
N LYS A 162 -10.17 20.36 -21.74
CA LYS A 162 -8.88 21.10 -21.59
C LYS A 162 -8.10 20.57 -20.38
N GLY A 163 -8.65 19.63 -19.61
CA GLY A 163 -8.03 19.10 -18.38
C GLY A 163 -8.16 20.07 -17.22
N VAL A 164 -9.13 20.98 -17.28
CA VAL A 164 -9.44 21.97 -16.21
C VAL A 164 -10.46 21.35 -15.26
N VAL A 165 -10.26 21.49 -13.95
CA VAL A 165 -11.19 21.00 -12.90
C VAL A 165 -12.47 21.84 -12.99
N ILE A 166 -13.60 21.19 -13.29
CA ILE A 166 -14.94 21.86 -13.39
C ILE A 166 -15.81 21.42 -12.23
N TYR A 167 -15.45 20.37 -11.49
CA TYR A 167 -16.21 19.90 -10.31
C TYR A 167 -15.26 19.21 -9.33
N LYS A 168 -15.49 19.41 -8.04
CA LYS A 168 -14.67 18.87 -6.93
C LYS A 168 -15.58 18.57 -5.75
N GLU A 169 -15.51 17.35 -5.22
CA GLU A 169 -16.09 16.96 -3.91
C GLU A 169 -15.01 16.23 -3.12
N ILE A 170 -14.66 16.76 -1.94
CA ILE A 170 -13.96 15.98 -0.89
C ILE A 170 -15.02 15.69 0.17
N VAL A 171 -15.38 14.42 0.34
CA VAL A 171 -16.56 14.00 1.16
C VAL A 171 -16.20 14.32 2.63
N GLN A 172 -17.02 15.17 3.27
CA GLN A 172 -16.80 15.71 4.63
C GLN A 172 -16.77 14.55 5.65
N ASN A 173 -17.76 13.66 5.57
CA ASN A 173 -17.85 12.44 6.41
C ASN A 173 -17.45 11.25 5.54
N ILE A 174 -16.31 10.63 5.84
CA ILE A 174 -15.68 9.60 4.97
C ILE A 174 -16.53 8.32 4.98
N LEU A 175 -17.47 8.18 5.92
CA LEU A 175 -18.46 7.07 5.97
C LEU A 175 -19.57 7.27 4.93
N GLU A 176 -19.68 8.47 4.35
CA GLU A 176 -20.68 8.78 3.29
C GLU A 176 -20.09 8.41 1.93
N GLU A 177 -20.95 7.97 1.00
CA GLU A 177 -20.59 7.82 -0.44
C GLU A 177 -20.53 9.20 -1.07
N PRO A 178 -19.85 9.37 -2.22
CA PRO A 178 -19.84 10.65 -2.93
C PRO A 178 -21.24 11.02 -3.43
N ASN A 179 -21.43 12.30 -3.72
CA ASN A 179 -22.70 12.84 -4.28
C ASN A 179 -22.75 12.50 -5.77
N TYR A 180 -23.34 11.36 -6.11
CA TYR A 180 -23.48 10.85 -7.50
C TYR A 180 -24.41 11.76 -8.31
N GLU A 181 -25.43 12.37 -7.68
CA GLU A 181 -26.42 13.23 -8.37
C GLU A 181 -25.73 14.51 -8.86
N ALA A 182 -24.99 15.20 -7.98
CA ALA A 182 -24.22 16.42 -8.31
C ALA A 182 -23.31 16.10 -9.50
N LEU A 183 -22.72 14.91 -9.50
CA LEU A 183 -21.70 14.46 -10.47
C LEU A 183 -22.34 14.24 -11.85
N LEU A 184 -23.46 13.52 -11.93
CA LEU A 184 -24.13 13.18 -13.21
C LEU A 184 -24.71 14.45 -13.86
N LYS A 185 -25.04 15.47 -13.07
CA LYS A 185 -25.49 16.80 -13.60
C LYS A 185 -24.33 17.49 -14.31
N VAL A 186 -23.08 17.21 -13.91
CA VAL A 186 -21.86 17.81 -14.49
C VAL A 186 -21.54 17.12 -15.83
N LEU A 187 -21.88 15.83 -15.97
CA LEU A 187 -21.53 14.97 -17.14
C LEU A 187 -22.63 15.05 -18.20
N LYS A 188 -23.85 15.43 -17.81
CA LYS A 188 -24.96 15.74 -18.74
C LYS A 188 -24.72 17.11 -19.36
N GLN B 24 24.57 -4.89 -3.20
CA GLN B 24 23.95 -6.20 -3.57
C GLN B 24 22.73 -5.95 -4.47
N LYS B 25 22.44 -6.89 -5.39
CA LYS B 25 21.36 -6.79 -6.39
C LYS B 25 20.42 -8.00 -6.28
N VAL B 26 19.12 -7.77 -6.51
CA VAL B 26 18.07 -8.82 -6.41
C VAL B 26 17.46 -9.00 -7.80
N THR B 27 17.09 -10.22 -8.18
CA THR B 27 16.54 -10.42 -9.54
C THR B 27 15.09 -10.91 -9.48
N PHE B 28 14.33 -10.55 -10.50
CA PHE B 28 12.90 -10.95 -10.66
C PHE B 28 12.69 -11.15 -12.15
N LYS B 29 12.61 -12.42 -12.57
CA LYS B 29 12.50 -12.77 -14.02
C LYS B 29 13.64 -12.07 -14.73
N GLU B 30 13.34 -11.16 -15.66
CA GLU B 30 14.42 -10.48 -16.41
C GLU B 30 14.83 -9.18 -15.73
N GLU B 31 14.24 -8.85 -14.60
CA GLU B 31 14.62 -7.55 -13.99
C GLU B 31 15.66 -7.76 -12.88
N THR B 32 16.59 -6.84 -12.79
CA THR B 32 17.64 -6.82 -11.75
C THR B 32 17.38 -5.55 -10.96
N TYR B 33 17.42 -5.61 -9.64
CA TYR B 33 17.10 -4.40 -8.87
C TYR B 33 18.21 -4.01 -7.91
N GLN B 34 18.51 -2.72 -7.88
CA GLN B 34 19.33 -2.11 -6.82
C GLN B 34 18.46 -2.02 -5.56
N LEU B 35 19.06 -2.22 -4.39
CA LEU B 35 18.41 -2.02 -3.06
C LEU B 35 18.65 -0.57 -2.62
N GLU B 36 17.57 0.13 -2.24
CA GLU B 36 17.62 1.54 -1.76
C GLU B 36 17.40 1.55 -0.24
N GLY B 37 17.70 2.68 0.40
CA GLY B 37 17.74 2.83 1.87
C GLY B 37 19.14 2.60 2.40
N LYS B 38 19.31 2.72 3.72
CA LYS B 38 20.62 2.60 4.42
C LYS B 38 20.99 1.12 4.57
N ALA B 39 22.17 0.73 4.07
CA ALA B 39 22.76 -0.61 4.28
C ALA B 39 22.73 -0.92 5.78
N LEU B 40 22.27 -2.11 6.15
CA LEU B 40 22.33 -2.64 7.54
C LEU B 40 23.05 -3.98 7.48
N LYS B 41 24.18 -4.11 8.15
CA LYS B 41 25.03 -5.33 8.14
C LYS B 41 25.01 -5.97 9.53
N VAL B 42 25.34 -7.27 9.59
CA VAL B 42 25.54 -8.02 10.87
C VAL B 42 26.51 -7.21 11.74
N GLY B 43 26.18 -7.04 13.03
CA GLY B 43 27.00 -6.28 13.99
C GLY B 43 26.44 -4.88 14.23
N ASP B 44 25.65 -4.34 13.31
CA ASP B 44 25.02 -3.00 13.44
C ASP B 44 23.86 -3.09 14.45
N LYS B 45 23.62 -2.00 15.18
CA LYS B 45 22.39 -1.80 16.00
C LYS B 45 21.22 -1.57 15.03
N ALA B 46 20.22 -2.46 15.06
CA ALA B 46 18.99 -2.37 14.24
C ALA B 46 18.17 -1.17 14.72
N PRO B 47 17.85 -0.19 13.85
CA PRO B 47 17.01 0.93 14.26
C PRO B 47 15.57 0.49 14.58
N ASP B 48 14.97 1.06 15.61
CA ASP B 48 13.51 0.95 15.86
C ASP B 48 12.83 1.84 14.82
N VAL B 49 11.74 1.36 14.23
CA VAL B 49 11.00 2.09 13.15
C VAL B 49 9.50 2.02 13.47
N LYS B 50 8.76 3.02 13.01
CA LYS B 50 7.27 3.09 13.10
C LYS B 50 6.67 2.27 11.96
N LEU B 51 5.78 1.34 12.30
CA LEU B 51 4.98 0.54 11.34
C LEU B 51 3.52 0.61 11.79
N VAL B 52 2.59 0.12 10.95
CA VAL B 52 1.14 0.13 11.26
C VAL B 52 0.63 -1.32 11.26
N ASN B 53 -0.15 -1.71 12.27
CA ASN B 53 -0.72 -3.07 12.41
C ASN B 53 -2.15 -3.07 11.89
N GLY B 54 -2.83 -4.22 11.97
CA GLY B 54 -4.18 -4.46 11.44
C GLY B 54 -5.24 -3.55 12.05
N ASP B 55 -5.00 -3.03 13.26
CA ASP B 55 -5.95 -2.15 14.00
C ASP B 55 -5.69 -0.68 13.66
N LEU B 56 -4.86 -0.41 12.64
CA LEU B 56 -4.39 0.95 12.25
C LEU B 56 -3.74 1.64 13.44
N GLN B 57 -3.05 0.87 14.28
CA GLN B 57 -2.26 1.37 15.43
C GLN B 57 -0.79 1.44 15.01
N GLU B 58 -0.13 2.58 15.26
CA GLU B 58 1.33 2.75 15.06
C GLU B 58 2.07 1.95 16.14
N VAL B 59 2.98 1.08 15.73
CA VAL B 59 3.78 0.22 16.66
C VAL B 59 5.25 0.40 16.33
N ASN B 60 6.11 0.10 17.30
CA ASN B 60 7.58 0.04 17.13
C ASN B 60 7.96 -1.40 16.76
N LEU B 61 8.80 -1.57 15.72
CA LEU B 61 9.24 -2.91 15.27
C LEU B 61 9.86 -3.67 16.46
N LEU B 62 10.75 -3.04 17.21
CA LEU B 62 11.60 -3.74 18.21
C LEU B 62 10.80 -4.06 19.49
N LYS B 63 10.90 -5.32 19.94
CA LYS B 63 10.27 -5.83 21.19
C LYS B 63 11.36 -6.12 22.22
N GLN B 64 11.10 -5.79 23.50
CA GLN B 64 12.06 -5.98 24.62
C GLN B 64 11.74 -7.28 25.37
N GLY B 65 12.73 -7.84 26.07
CA GLY B 65 12.58 -9.03 26.93
C GLY B 65 12.44 -10.32 26.13
N VAL B 66 13.00 -10.37 24.92
CA VAL B 66 13.04 -11.59 24.05
C VAL B 66 14.51 -11.87 23.71
N ARG B 67 14.90 -13.16 23.66
CA ARG B 67 16.28 -13.60 23.39
C ARG B 67 16.67 -13.20 21.97
N PHE B 68 15.77 -13.40 21.00
CA PHE B 68 15.96 -13.07 19.57
C PHE B 68 14.70 -12.42 18.98
N GLN B 69 14.90 -11.51 18.03
CA GLN B 69 13.82 -10.90 17.21
C GLN B 69 14.06 -11.25 15.73
N VAL B 70 13.09 -11.94 15.11
CA VAL B 70 13.11 -12.31 13.67
C VAL B 70 12.19 -11.34 12.93
N VAL B 71 12.75 -10.49 12.06
CA VAL B 71 11.98 -9.57 11.19
C VAL B 71 12.18 -9.98 9.73
N SER B 72 11.08 -10.32 9.07
CA SER B 72 11.06 -10.81 7.67
C SER B 72 10.23 -9.85 6.80
N ALA B 73 10.71 -9.54 5.61
CA ALA B 73 9.95 -8.61 4.74
C ALA B 73 9.69 -9.27 3.40
N LEU B 74 8.60 -8.90 2.74
CA LEU B 74 8.31 -9.49 1.43
C LEU B 74 7.57 -8.47 0.55
N PRO B 75 7.63 -8.60 -0.78
CA PRO B 75 7.02 -7.64 -1.69
C PRO B 75 5.51 -7.53 -1.53
N SER B 76 4.79 -8.63 -1.35
CA SER B 76 3.31 -8.60 -1.16
C SER B 76 2.80 -9.90 -0.57
N LEU B 77 1.85 -9.83 0.35
CA LEU B 77 1.22 -11.01 0.99
C LEU B 77 0.26 -11.71 0.02
N THR B 78 -0.07 -11.09 -1.12
CA THR B 78 -0.91 -11.69 -2.18
C THR B 78 -0.12 -12.78 -2.91
N GLY B 79 1.23 -12.73 -2.85
CA GLY B 79 2.13 -13.65 -3.57
C GLY B 79 2.15 -15.06 -2.98
N SER B 80 2.38 -16.07 -3.82
CA SER B 80 2.42 -17.51 -3.43
C SER B 80 3.67 -17.80 -2.59
N VAL B 81 4.85 -17.39 -3.08
CA VAL B 81 6.16 -17.57 -2.39
C VAL B 81 6.12 -16.79 -1.07
N CYS B 82 5.59 -15.56 -1.12
CA CYS B 82 5.38 -14.66 0.03
C CYS B 82 4.51 -15.36 1.10
N LEU B 83 3.42 -15.99 0.70
CA LEU B 83 2.48 -16.66 1.63
C LEU B 83 3.18 -17.84 2.34
N LEU B 84 3.99 -18.63 1.61
CA LEU B 84 4.77 -19.76 2.20
C LEU B 84 5.66 -19.23 3.31
N GLN B 85 6.35 -18.10 3.06
CA GLN B 85 7.29 -17.43 4.00
C GLN B 85 6.52 -16.97 5.25
N ALA B 86 5.42 -16.23 5.04
CA ALA B 86 4.48 -15.80 6.10
C ALA B 86 4.08 -17.03 6.94
N LYS B 87 3.64 -18.11 6.28
CA LYS B 87 3.08 -19.32 6.92
C LYS B 87 4.16 -20.07 7.72
N HIS B 88 5.43 -20.01 7.31
CA HIS B 88 6.58 -20.57 8.08
C HIS B 88 6.73 -19.82 9.40
N PHE B 89 6.72 -18.49 9.35
CA PHE B 89 6.95 -17.61 10.53
C PHE B 89 5.72 -17.59 11.44
N ASN B 90 4.55 -17.88 10.87
CA ASN B 90 3.34 -17.99 11.68
C ASN B 90 3.51 -19.25 12.55
N GLU B 91 3.96 -20.33 11.91
CA GLU B 91 4.17 -21.67 12.53
C GLU B 91 5.27 -21.61 13.58
N GLN B 92 6.35 -20.88 13.33
CA GLN B 92 7.43 -20.84 14.33
C GLN B 92 7.09 -19.85 15.45
N THR B 93 6.09 -18.98 15.26
CA THR B 93 5.67 -18.04 16.32
C THR B 93 5.26 -18.86 17.55
N GLY B 94 4.48 -19.92 17.36
CA GLY B 94 4.07 -20.78 18.48
C GLY B 94 5.19 -21.75 18.85
N LYS B 95 5.91 -22.23 17.84
CA LYS B 95 7.03 -23.18 18.06
C LYS B 95 7.99 -22.59 19.10
N LEU B 96 8.58 -21.42 18.82
CA LEU B 96 9.54 -20.79 19.77
C LEU B 96 8.99 -19.49 20.34
N PRO B 97 8.17 -19.50 21.41
CA PRO B 97 7.67 -18.27 22.04
C PRO B 97 8.67 -17.37 22.79
N SER B 98 9.96 -17.74 22.87
CA SER B 98 11.04 -16.89 23.44
C SER B 98 11.66 -16.05 22.30
N VAL B 99 11.14 -16.21 21.09
CA VAL B 99 11.55 -15.47 19.87
C VAL B 99 10.33 -14.67 19.40
N SER B 100 10.55 -13.43 18.98
CA SER B 100 9.45 -12.59 18.43
C SER B 100 9.53 -12.67 16.91
N PHE B 101 8.40 -12.92 16.25
CA PHE B 101 8.38 -13.01 14.76
C PHE B 101 7.51 -11.89 14.19
N SER B 102 8.07 -11.12 13.25
CA SER B 102 7.34 -10.02 12.57
C SER B 102 7.50 -10.13 11.06
N VAL B 103 6.39 -10.03 10.33
CA VAL B 103 6.40 -10.01 8.84
C VAL B 103 5.97 -8.62 8.38
N ILE B 104 6.77 -8.02 7.49
CA ILE B 104 6.59 -6.61 7.00
C ILE B 104 6.32 -6.64 5.49
N SER B 105 5.34 -5.87 5.03
CA SER B 105 5.12 -5.61 3.60
C SER B 105 4.59 -4.19 3.41
N MET B 106 4.59 -3.74 2.16
CA MET B 106 3.99 -2.44 1.76
C MET B 106 2.47 -2.59 1.61
N ASP B 107 1.92 -3.81 1.70
CA ASP B 107 0.44 -4.02 1.69
C ASP B 107 -0.16 -3.13 2.79
N LEU B 108 -1.30 -2.47 2.51
CA LEU B 108 -2.08 -1.77 3.56
C LEU B 108 -2.47 -2.80 4.62
N PRO B 109 -2.54 -2.41 5.92
CA PRO B 109 -2.98 -3.33 6.97
C PRO B 109 -4.34 -4.03 6.73
N PHE B 110 -5.25 -3.39 5.99
CA PHE B 110 -6.59 -3.95 5.69
C PHE B 110 -6.43 -5.29 4.95
N SER B 111 -5.68 -5.28 3.85
CA SER B 111 -5.42 -6.44 2.96
C SER B 111 -4.58 -7.48 3.72
N GLN B 112 -3.61 -7.01 4.51
CA GLN B 112 -2.78 -7.86 5.41
C GLN B 112 -3.70 -8.71 6.29
N GLY B 113 -4.68 -8.07 6.95
CA GLY B 113 -5.63 -8.73 7.86
C GLY B 113 -6.56 -9.69 7.13
N GLN B 114 -7.03 -9.28 5.94
CA GLN B 114 -7.99 -10.07 5.12
C GLN B 114 -7.29 -11.30 4.52
N ILE B 115 -6.03 -11.16 4.09
CA ILE B 115 -5.22 -12.32 3.58
C ILE B 115 -4.89 -13.25 4.76
N ALA B 116 -4.43 -12.69 5.89
CA ALA B 116 -4.11 -13.42 7.14
C ALA B 116 -5.33 -14.24 7.59
N GLY B 117 -6.51 -13.61 7.62
CA GLY B 117 -7.78 -14.24 7.99
C GLY B 117 -8.17 -15.36 7.02
N ALA B 118 -8.06 -15.08 5.72
CA ALA B 118 -8.39 -16.04 4.62
C ALA B 118 -7.52 -17.29 4.71
N GLU B 119 -6.22 -17.11 5.01
CA GLU B 119 -5.18 -18.16 4.90
C GLU B 119 -4.85 -18.76 6.29
N GLY B 120 -5.57 -18.34 7.34
CA GLY B 120 -5.43 -18.88 8.71
C GLY B 120 -4.05 -18.61 9.31
N ILE B 121 -3.61 -17.34 9.25
CA ILE B 121 -2.34 -16.83 9.87
C ILE B 121 -2.71 -15.79 10.92
N LYS B 122 -2.90 -16.22 12.17
CA LYS B 122 -3.44 -15.35 13.26
C LYS B 122 -2.46 -15.24 14.43
N ASP B 123 -1.45 -16.12 14.52
CA ASP B 123 -0.35 -16.03 15.53
C ASP B 123 0.61 -14.90 15.17
N LEU B 124 0.74 -14.62 13.87
CA LEU B 124 1.85 -13.82 13.29
C LEU B 124 1.59 -12.32 13.46
N ARG B 125 2.62 -11.59 13.86
CA ARG B 125 2.64 -10.11 13.92
C ARG B 125 2.91 -9.57 12.52
N ILE B 126 1.86 -9.20 11.79
CA ILE B 126 1.95 -8.68 10.39
C ILE B 126 1.81 -7.15 10.45
N LEU B 127 2.80 -6.45 9.88
CA LEU B 127 2.91 -4.98 9.98
C LEU B 127 3.09 -4.40 8.58
N SER B 128 2.56 -3.20 8.36
CA SER B 128 2.66 -2.47 7.07
C SER B 128 3.67 -1.34 7.18
N ASP B 129 4.47 -1.15 6.13
CA ASP B 129 5.50 -0.08 6.02
C ASP B 129 4.97 1.10 5.20
N PHE B 130 3.68 1.12 4.85
CA PHE B 130 3.11 2.03 3.82
C PHE B 130 3.24 3.50 4.24
N ARG B 131 3.10 3.80 5.54
CA ARG B 131 2.93 5.20 6.04
C ARG B 131 4.26 5.96 5.96
N TYR B 132 5.36 5.35 6.39
CA TYR B 132 6.68 6.03 6.53
C TYR B 132 7.73 5.39 5.61
N LYS B 133 7.52 4.17 5.12
CA LYS B 133 8.56 3.41 4.38
C LYS B 133 9.80 3.31 5.28
N ALA B 134 9.62 3.39 6.61
CA ALA B 134 10.72 3.48 7.59
C ALA B 134 11.51 2.17 7.61
N PHE B 135 10.84 1.02 7.45
CA PHE B 135 11.54 -0.30 7.44
C PHE B 135 12.41 -0.40 6.18
N GLY B 136 11.80 -0.16 5.01
CA GLY B 136 12.52 -0.19 3.72
C GLY B 136 13.75 0.69 3.77
N GLU B 137 13.58 1.92 4.25
CA GLU B 137 14.62 2.99 4.26
C GLU B 137 15.78 2.62 5.18
N ASN B 138 15.48 2.08 6.36
CA ASN B 138 16.48 1.89 7.46
C ASN B 138 17.07 0.47 7.43
N TYR B 139 16.44 -0.47 6.72
CA TYR B 139 16.96 -1.87 6.62
C TYR B 139 17.51 -2.13 5.21
N GLY B 140 17.40 -1.15 4.32
CA GLY B 140 18.01 -1.19 2.97
C GLY B 140 17.42 -2.30 2.11
N VAL B 141 16.12 -2.55 2.20
CA VAL B 141 15.43 -3.63 1.42
C VAL B 141 14.32 -3.02 0.55
N LEU B 142 14.42 -1.71 0.29
CA LEU B 142 13.52 -0.98 -0.64
C LEU B 142 13.97 -1.27 -2.07
N LEU B 143 13.10 -1.87 -2.89
CA LEU B 143 13.43 -2.21 -4.30
C LEU B 143 13.43 -0.93 -5.14
N GLY B 144 14.52 -0.73 -5.90
CA GLY B 144 14.70 0.42 -6.80
C GLY B 144 13.94 0.25 -8.10
N LYS B 145 14.37 0.95 -9.15
CA LYS B 145 13.63 1.07 -10.43
C LYS B 145 13.33 -0.33 -11.00
N GLY B 146 12.12 -0.51 -11.51
CA GLY B 146 11.59 -1.78 -12.03
C GLY B 146 10.11 -1.92 -11.68
N SER B 147 9.45 -2.98 -12.14
CA SER B 147 8.01 -3.24 -11.92
C SER B 147 7.71 -3.28 -10.41
N LEU B 148 8.63 -3.79 -9.58
CA LEU B 148 8.42 -3.96 -8.11
C LEU B 148 8.97 -2.74 -7.33
N GLN B 149 9.31 -1.64 -7.99
CA GLN B 149 9.86 -0.43 -7.32
C GLN B 149 8.93 -0.03 -6.17
N GLY B 150 9.51 0.23 -5.00
CA GLY B 150 8.79 0.69 -3.79
C GLY B 150 8.28 -0.45 -2.94
N LEU B 151 8.38 -1.69 -3.39
CA LEU B 151 8.06 -2.88 -2.56
C LEU B 151 9.31 -3.30 -1.80
N LEU B 152 9.15 -4.13 -0.77
CA LEU B 152 10.27 -4.64 0.06
C LEU B 152 10.81 -5.94 -0.54
N ALA B 153 12.13 -6.03 -0.69
CA ALA B 153 12.83 -7.25 -1.13
C ALA B 153 12.56 -8.36 -0.12
N ARG B 154 12.46 -9.59 -0.58
CA ARG B 154 12.33 -10.76 0.30
C ARG B 154 13.60 -10.85 1.14
N SER B 155 13.46 -10.81 2.46
CA SER B 155 14.61 -10.62 3.37
C SER B 155 14.26 -11.09 4.80
N VAL B 156 15.30 -11.48 5.54
CA VAL B 156 15.24 -11.93 6.96
C VAL B 156 16.40 -11.28 7.71
N PHE B 157 16.10 -10.68 8.86
CA PHE B 157 17.08 -10.16 9.85
C PHE B 157 16.77 -10.83 11.19
N VAL B 158 17.81 -11.23 11.93
CA VAL B 158 17.70 -11.68 13.34
C VAL B 158 18.46 -10.68 14.21
N LEU B 159 17.82 -10.20 15.26
CA LEU B 159 18.40 -9.29 16.28
C LEU B 159 18.49 -10.06 17.60
N ASP B 160 19.55 -9.81 18.38
CA ASP B 160 19.71 -10.40 19.74
C ASP B 160 18.89 -9.55 20.72
N ASP B 161 19.02 -9.84 22.02
CA ASP B 161 18.24 -9.18 23.11
C ASP B 161 18.59 -7.68 23.19
N LYS B 162 19.78 -7.28 22.69
CA LYS B 162 20.27 -5.88 22.69
C LYS B 162 19.85 -5.14 21.41
N GLY B 163 19.20 -5.83 20.46
CA GLY B 163 18.74 -5.25 19.19
C GLY B 163 19.87 -5.10 18.18
N VAL B 164 20.95 -5.89 18.33
CA VAL B 164 22.09 -5.95 17.37
C VAL B 164 21.77 -7.02 16.31
N VAL B 165 22.07 -6.73 15.04
CA VAL B 165 21.83 -7.67 13.89
C VAL B 165 22.90 -8.77 13.96
N ILE B 166 22.48 -10.02 14.13
CA ILE B 166 23.42 -11.19 14.22
C ILE B 166 23.31 -12.03 12.94
N TYR B 167 22.19 -11.94 12.21
CA TYR B 167 21.96 -12.66 10.93
C TYR B 167 21.16 -11.77 9.98
N LYS B 168 21.46 -11.86 8.69
CA LYS B 168 20.82 -11.11 7.59
C LYS B 168 20.85 -11.94 6.31
N GLU B 169 19.69 -12.11 5.67
CA GLU B 169 19.58 -12.71 4.32
C GLU B 169 18.63 -11.85 3.48
N ILE B 170 19.16 -11.26 2.40
CA ILE B 170 18.32 -10.67 1.33
C ILE B 170 18.37 -11.63 0.14
N VAL B 171 17.20 -12.17 -0.24
CA VAL B 171 17.12 -13.32 -1.19
C VAL B 171 17.43 -12.81 -2.60
N GLN B 172 18.49 -13.35 -3.21
CA GLN B 172 18.98 -12.91 -4.54
C GLN B 172 17.86 -13.04 -5.55
N ASN B 173 17.18 -14.17 -5.59
CA ASN B 173 16.03 -14.34 -6.52
C ASN B 173 14.77 -14.20 -5.67
N ILE B 174 13.89 -13.26 -6.04
CA ILE B 174 12.67 -13.01 -5.22
C ILE B 174 11.67 -14.16 -5.30
N LEU B 175 11.74 -15.03 -6.30
CA LEU B 175 10.77 -16.16 -6.35
C LEU B 175 11.22 -17.30 -5.43
N GLU B 176 12.42 -17.18 -4.85
CA GLU B 176 12.93 -18.19 -3.87
C GLU B 176 12.49 -17.79 -2.47
N GLU B 177 12.21 -18.77 -1.61
CA GLU B 177 11.95 -18.56 -0.16
C GLU B 177 13.29 -18.26 0.52
N PRO B 178 13.28 -17.67 1.74
CA PRO B 178 14.49 -17.50 2.53
C PRO B 178 15.04 -18.86 3.00
N ASN B 179 16.31 -18.92 3.36
CA ASN B 179 16.98 -20.15 3.87
C ASN B 179 16.58 -20.35 5.34
N TYR B 180 15.55 -21.16 5.58
CA TYR B 180 15.01 -21.48 6.93
C TYR B 180 16.05 -22.26 7.74
N GLU B 181 16.77 -23.18 7.08
CA GLU B 181 17.85 -24.00 7.72
C GLU B 181 18.79 -23.06 8.49
N ALA B 182 19.43 -22.13 7.78
CA ALA B 182 20.43 -21.18 8.32
C ALA B 182 19.82 -20.41 9.49
N LEU B 183 18.55 -19.97 9.34
CA LEU B 183 17.84 -19.15 10.34
C LEU B 183 17.70 -19.94 11.66
N LEU B 184 17.16 -21.16 11.59
CA LEU B 184 16.86 -22.00 12.78
C LEU B 184 18.16 -22.31 13.56
N LYS B 185 19.30 -22.42 12.85
CA LYS B 185 20.64 -22.64 13.48
C LYS B 185 21.01 -21.44 14.36
N VAL B 186 20.65 -20.22 13.92
CA VAL B 186 20.96 -18.94 14.62
C VAL B 186 20.15 -18.82 15.92
N LEU B 187 18.94 -19.39 15.95
CA LEU B 187 17.96 -19.21 17.06
C LEU B 187 18.32 -20.15 18.23
N LYS B 188 18.92 -21.30 17.94
CA LYS B 188 19.48 -22.22 18.97
C LYS B 188 20.66 -21.50 19.64
C7 A1IAR C . -13.64 2.76 2.36
C8 A1IAR C . -13.05 2.02 3.28
C10 A1IAR C . -14.71 2.90 4.16
N12 A1IAR C . -11.97 1.28 3.21
C13 A1IAR C . -15.75 3.28 5.18
C15 A1IAR C . -16.38 0.97 4.79
C17 A1IAR C . -16.01 -0.09 5.60
N11 A1IAR C . -14.67 3.32 2.92
N9 A1IAR C . -13.72 2.09 4.40
C14 A1IAR C . -13.45 1.42 5.67
O16 A1IAR C . -16.54 2.15 5.57
C18 A1IAR C . -15.71 -0.96 6.23
#